data_1GI9
#
_entry.id   1GI9
#
_cell.length_a   82.14
_cell.length_b   50.00
_cell.length_c   67.15
_cell.angle_alpha   90.0
_cell.angle_beta   113.90
_cell.angle_gamma   90.0
#
_symmetry.space_group_name_H-M   'C 1 2 1'
#
loop_
_entity.id
_entity.type
_entity.pdbx_description
1 polymer 'UROKINASE-TYPE PLASMINOGEN ACTIVATOR'
2 polymer 'UROKINASE-TYPE PLASMINOGEN ACTIVATOR'
3 non-polymer 2-(2-HYDROXY-5-METHOXY-PHENYL)-1H-BENZOIMIDAZOLE-5-CARBOXAMIDINE
4 non-polymer 'CITRIC ACID'
5 water water
#
loop_
_entity_poly.entity_id
_entity_poly.type
_entity_poly.pdbx_seq_one_letter_code
_entity_poly.pdbx_strand_id
1 'polypeptide(L)' KPSSPPEELKFQCGQKTLRPRFK A
2 'polypeptide(L)'
;IIGGEFTTIENQPWFAAIYRRHRGGSVTYVCGGSLMSPCWVISATHCFIDYPKKEDYIVYLGRSRLNSNTQGEMKFEVEN
LILHKDYSADTLAHHNDIALLKIRSKEGRCAQPSRTIQTICLPSMYNDPQFGTSCEITGFGKEASTDYLYPEQLKMTVVK
LISHRECQQPHYYGSEVTTKMLCAADPQWKTDSCQGDSGGPLVCSLQGRMTLTGIVSWGRGCALKDKPGVYTRVSHFLPW
IRSHT
;
B
#
# COMPACT_ATOMS: atom_id res chain seq x y z
N LEU A 9 -12.20 -0.68 -21.32
CA LEU A 9 -13.04 -1.90 -21.54
C LEU A 9 -12.53 -2.99 -20.57
N LYS A 10 -11.31 -3.43 -20.72
CA LYS A 10 -10.82 -4.49 -19.80
C LYS A 10 -9.53 -3.88 -19.18
N PHE A 11 -9.12 -4.46 -18.09
CA PHE A 11 -7.92 -4.00 -17.36
C PHE A 11 -6.67 -4.57 -18.01
N GLN A 12 -5.58 -3.90 -17.81
CA GLN A 12 -4.24 -4.27 -18.33
C GLN A 12 -3.42 -3.85 -17.14
N CYS A 13 -3.17 -4.79 -16.29
CA CYS A 13 -2.40 -4.47 -15.07
C CYS A 13 -1.16 -3.66 -15.36
N GLY A 14 -0.90 -2.72 -14.50
CA GLY A 14 0.31 -1.88 -14.68
C GLY A 14 0.21 -0.80 -15.72
N GLN A 15 -0.75 -0.83 -16.60
CA GLN A 15 -0.83 0.24 -17.63
C GLN A 15 -1.53 1.51 -17.13
N LYS A 16 -0.83 2.60 -17.29
CA LYS A 16 -1.38 3.92 -16.86
C LYS A 16 -1.91 4.47 -18.20
N THR A 17 -1.04 4.45 -19.16
CA THR A 17 -1.34 4.94 -20.51
C THR A 17 -0.71 3.79 -21.37
N ILE B 1 3.65 10.87 3.15
CA ILE B 1 4.94 10.71 2.45
C ILE B 1 5.72 11.98 2.78
N ILE B 2 6.98 11.81 3.05
CA ILE B 2 7.87 12.95 3.39
C ILE B 2 8.50 13.19 2.03
N GLY B 3 8.47 14.41 1.58
CA GLY B 3 9.07 14.67 0.25
C GLY B 3 8.04 14.16 -0.74
N GLY B 4 8.47 13.98 -1.94
CA GLY B 4 7.52 13.47 -2.95
C GLY B 4 6.98 14.68 -3.64
N GLU B 5 6.04 14.42 -4.46
CA GLU B 5 5.36 15.47 -5.25
C GLU B 5 3.89 15.19 -5.03
N PHE B 6 3.06 16.16 -5.30
CA PHE B 6 1.61 15.91 -5.12
C PHE B 6 1.31 15.29 -6.47
N THR B 7 0.35 14.40 -6.59
CA THR B 7 0.05 13.76 -7.89
C THR B 7 -1.48 13.56 -8.01
N THR B 8 -1.89 12.88 -9.03
CA THR B 8 -3.32 12.63 -9.21
C THR B 8 -3.37 11.14 -9.38
N ILE B 9 -4.55 10.64 -9.24
CA ILE B 9 -4.77 9.19 -9.36
C ILE B 9 -4.45 8.66 -10.76
N GLU B 10 -4.55 9.46 -11.79
CA GLU B 10 -4.23 8.99 -13.18
C GLU B 10 -2.81 8.46 -13.15
N ASN B 11 -2.04 8.93 -12.21
CA ASN B 11 -0.62 8.48 -12.11
C ASN B 11 -0.45 7.25 -11.27
N GLN B 12 -1.47 6.87 -10.57
CA GLN B 12 -1.44 5.66 -9.69
C GLN B 12 -2.81 4.97 -9.70
N PRO B 13 -3.28 4.63 -10.87
CA PRO B 13 -4.72 4.30 -11.05
C PRO B 13 -5.16 3.05 -10.24
N TRP B 14 -4.22 2.32 -9.71
CA TRP B 14 -4.51 1.09 -8.90
C TRP B 14 -4.51 1.39 -7.41
N PHE B 15 -4.36 2.63 -7.04
CA PHE B 15 -4.35 2.96 -5.58
C PHE B 15 -5.80 3.03 -5.06
N ALA B 16 -6.02 2.39 -3.94
CA ALA B 16 -7.37 2.33 -3.30
C ALA B 16 -7.27 3.03 -1.93
N ALA B 17 -8.27 3.81 -1.60
CA ALA B 17 -8.32 4.56 -0.29
C ALA B 17 -9.38 3.89 0.59
N ILE B 18 -8.96 3.46 1.73
CA ILE B 18 -9.89 2.78 2.67
C ILE B 18 -10.18 3.71 3.89
N TYR B 19 -11.44 3.87 4.12
CA TYR B 19 -12.01 4.71 5.20
C TYR B 19 -12.83 3.82 6.15
N ARG B 20 -13.11 4.37 7.31
CA ARG B 20 -13.91 3.65 8.33
C ARG B 20 -15.06 4.63 8.70
N ARG B 21 -16.22 4.09 8.94
CA ARG B 21 -17.39 4.95 9.30
C ARG B 21 -17.56 4.90 10.81
N HIS B 22 -18.07 5.97 11.34
CA HIS B 22 -18.33 6.12 12.81
C HIS B 22 -19.71 6.65 12.45
N ARG B 23 -20.80 5.94 12.61
CA ARG B 23 -22.09 6.58 12.21
C ARG B 23 -22.33 7.95 12.84
N GLY B 24 -21.49 8.37 13.75
CA GLY B 24 -21.66 9.72 14.40
C GLY B 24 -21.72 10.77 13.25
N GLY B 25 -21.38 10.32 12.06
CA GLY B 25 -21.40 11.20 10.88
C GLY B 25 -20.08 11.17 10.13
N SER B 26 -18.99 10.97 10.85
CA SER B 26 -17.68 10.97 10.14
C SER B 26 -17.18 9.64 9.66
N VAL B 27 -16.36 9.72 8.66
CA VAL B 27 -15.75 8.53 8.05
C VAL B 27 -14.30 9.05 8.08
N THR B 28 -13.37 8.29 8.55
CA THR B 28 -11.97 8.74 8.61
C THR B 28 -11.15 7.79 7.74
N TYR B 29 -9.98 8.22 7.37
CA TYR B 29 -9.09 7.40 6.52
C TYR B 29 -8.42 6.41 7.42
N VAL B 30 -8.18 5.26 6.88
CA VAL B 30 -7.53 4.15 7.61
C VAL B 30 -6.17 3.88 6.94
N CYS B 31 -6.18 3.30 5.77
CA CYS B 31 -4.93 2.97 5.05
C CYS B 31 -5.17 2.98 3.54
N GLY B 32 -4.12 2.69 2.84
CA GLY B 32 -4.17 2.64 1.38
C GLY B 32 -4.24 1.15 0.99
N GLY B 33 -4.27 0.88 -0.27
CA GLY B 33 -4.33 -0.52 -0.79
C GLY B 33 -4.06 -0.44 -2.30
N SER B 34 -4.10 -1.58 -2.96
CA SER B 34 -3.87 -1.65 -4.43
C SER B 34 -4.90 -2.61 -5.03
N LEU B 35 -5.35 -2.34 -6.22
CA LEU B 35 -6.37 -3.21 -6.88
C LEU B 35 -5.57 -4.28 -7.68
N MET B 36 -5.78 -5.51 -7.31
CA MET B 36 -5.13 -6.73 -7.93
C MET B 36 -5.93 -7.29 -9.11
N SER B 37 -7.24 -7.28 -8.94
CA SER B 37 -8.15 -7.78 -9.97
C SER B 37 -9.45 -7.02 -9.74
N PRO B 38 -10.39 -7.11 -10.66
CA PRO B 38 -11.66 -6.36 -10.55
C PRO B 38 -12.32 -6.36 -9.14
N CYS B 39 -12.28 -7.49 -8.48
CA CYS B 39 -12.89 -7.59 -7.14
C CYS B 39 -11.97 -7.67 -5.97
N TRP B 40 -10.71 -7.60 -6.20
CA TRP B 40 -9.81 -7.69 -5.00
C TRP B 40 -8.80 -6.58 -4.81
N VAL B 41 -8.73 -6.10 -3.61
CA VAL B 41 -7.75 -5.02 -3.22
C VAL B 41 -6.85 -5.69 -2.16
N ILE B 42 -5.59 -5.37 -2.15
CA ILE B 42 -4.64 -5.95 -1.17
C ILE B 42 -4.13 -4.75 -0.35
N SER B 43 -3.99 -4.98 0.91
CA SER B 43 -3.51 -3.94 1.89
C SER B 43 -2.71 -4.71 2.97
N ALA B 44 -2.66 -4.15 4.15
CA ALA B 44 -1.94 -4.70 5.33
C ALA B 44 -2.83 -5.12 6.51
N THR B 45 -2.72 -6.32 7.00
CA THR B 45 -3.56 -6.76 8.16
C THR B 45 -3.50 -5.76 9.36
N HIS B 46 -2.36 -5.18 9.63
CA HIS B 46 -2.32 -4.25 10.79
C HIS B 46 -3.26 -3.08 10.68
N CYS B 47 -3.75 -2.80 9.51
CA CYS B 47 -4.70 -1.65 9.33
C CYS B 47 -6.10 -1.98 9.87
N PHE B 48 -6.40 -3.24 9.78
CA PHE B 48 -7.74 -3.79 10.23
C PHE B 48 -7.71 -4.48 11.60
N ILE B 49 -6.65 -5.18 11.87
CA ILE B 49 -6.48 -5.89 13.17
C ILE B 49 -7.28 -5.40 14.39
N ASP B 50 -7.25 -4.13 14.60
CA ASP B 50 -7.98 -3.55 15.76
C ASP B 50 -9.49 -3.44 15.63
N TYR B 51 -10.00 -3.31 14.45
CA TYR B 51 -11.48 -3.19 14.31
C TYR B 51 -11.87 -4.04 13.10
N PRO B 52 -11.81 -5.34 13.22
CA PRO B 52 -12.17 -6.25 12.11
C PRO B 52 -13.68 -6.34 11.77
N LYS B 53 -14.34 -5.23 11.71
CA LYS B 53 -15.80 -5.17 11.39
C LYS B 53 -15.85 -4.73 9.91
N LYS B 54 -15.87 -5.66 9.00
CA LYS B 54 -15.90 -5.29 7.56
C LYS B 54 -17.00 -4.32 7.17
N GLU B 55 -18.13 -4.50 7.81
CA GLU B 55 -19.29 -3.59 7.52
C GLU B 55 -19.01 -2.10 7.74
N ASP B 56 -18.02 -1.74 8.50
CA ASP B 56 -17.82 -0.27 8.69
C ASP B 56 -16.74 0.31 7.81
N TYR B 57 -16.26 -0.43 6.86
CA TYR B 57 -15.19 0.17 5.99
C TYR B 57 -15.79 0.47 4.64
N ILE B 58 -15.23 1.45 4.00
CA ILE B 58 -15.69 1.90 2.64
C ILE B 58 -14.40 1.95 1.85
N VAL B 59 -14.44 1.51 0.62
CA VAL B 59 -13.23 1.55 -0.21
C VAL B 59 -13.62 2.41 -1.44
N TYR B 60 -12.72 3.28 -1.77
CA TYR B 60 -12.92 4.16 -2.96
C TYR B 60 -11.71 3.96 -3.92
N LEU B 61 -12.05 3.96 -5.16
CA LEU B 61 -11.06 3.80 -6.24
C LEU B 61 -11.26 5.10 -7.00
N GLY B 62 -10.26 5.48 -7.73
CA GLY B 62 -10.23 6.69 -8.56
C GLY B 62 -10.30 7.99 -7.76
N ARG B 63 -9.69 8.00 -6.60
CA ARG B 63 -9.72 9.22 -5.72
C ARG B 63 -8.37 9.97 -5.65
N SER B 64 -8.32 11.21 -6.08
CA SER B 64 -7.04 12.00 -6.01
C SER B 64 -6.95 12.79 -4.68
N ARG B 65 -8.07 13.10 -4.07
CA ARG B 65 -8.07 13.87 -2.79
C ARG B 65 -8.62 12.97 -1.69
N LEU B 66 -8.27 13.33 -0.50
CA LEU B 66 -8.69 12.58 0.73
C LEU B 66 -10.13 12.74 1.25
N ASN B 67 -10.57 13.96 1.37
CA ASN B 67 -11.96 14.20 1.89
C ASN B 67 -12.89 14.92 0.92
N SER B 68 -12.45 15.18 -0.29
CA SER B 68 -13.34 15.88 -1.26
C SER B 68 -13.48 14.82 -2.34
N ASN B 69 -14.48 14.96 -3.16
CA ASN B 69 -14.71 13.95 -4.24
C ASN B 69 -13.90 14.22 -5.49
N THR B 70 -13.62 13.17 -6.24
CA THR B 70 -12.83 13.24 -7.50
C THR B 70 -13.86 12.71 -8.52
N GLN B 71 -13.88 13.30 -9.67
CA GLN B 71 -14.85 12.83 -10.68
C GLN B 71 -14.31 11.51 -11.19
N GLY B 72 -15.19 10.57 -11.28
CA GLY B 72 -14.78 9.23 -11.77
C GLY B 72 -14.55 8.27 -10.62
N GLU B 73 -14.61 8.71 -9.38
CA GLU B 73 -14.36 7.75 -8.23
C GLU B 73 -15.49 6.73 -8.11
N MET B 74 -15.17 5.59 -7.56
CA MET B 74 -16.14 4.48 -7.36
C MET B 74 -16.05 4.15 -5.87
N LYS B 75 -17.17 3.81 -5.29
CA LYS B 75 -17.26 3.48 -3.85
C LYS B 75 -17.68 2.02 -3.72
N PHE B 76 -17.14 1.32 -2.78
CA PHE B 76 -17.46 -0.11 -2.59
C PHE B 76 -17.57 -0.40 -1.13
N GLU B 77 -18.22 -1.49 -0.85
CA GLU B 77 -18.41 -1.96 0.55
C GLU B 77 -17.42 -3.15 0.52
N VAL B 78 -17.04 -3.63 1.66
CA VAL B 78 -16.07 -4.78 1.77
C VAL B 78 -16.91 -6.06 2.00
N GLU B 79 -16.93 -6.91 0.99
CA GLU B 79 -17.69 -8.17 1.01
C GLU B 79 -16.93 -9.22 1.80
N ASN B 80 -15.61 -9.22 1.69
CA ASN B 80 -14.82 -10.25 2.47
C ASN B 80 -13.57 -9.53 2.93
N LEU B 81 -13.10 -9.80 4.12
CA LEU B 81 -11.88 -9.16 4.68
C LEU B 81 -11.03 -10.34 5.15
N ILE B 82 -9.96 -10.58 4.46
CA ILE B 82 -9.07 -11.71 4.80
C ILE B 82 -7.76 -11.18 5.34
N LEU B 83 -7.61 -11.41 6.62
CA LEU B 83 -6.38 -10.97 7.34
C LEU B 83 -5.50 -12.21 7.38
N HIS B 84 -4.25 -11.98 7.54
CA HIS B 84 -3.31 -13.11 7.57
C HIS B 84 -3.22 -13.84 8.91
N LYS B 85 -3.57 -15.11 8.91
CA LYS B 85 -3.48 -15.86 10.22
C LYS B 85 -1.95 -15.94 10.35
N ASP B 86 -1.43 -15.57 11.48
CA ASP B 86 0.04 -15.60 11.75
C ASP B 86 0.57 -14.17 11.70
N TYR B 87 -0.31 -13.20 11.65
CA TYR B 87 0.14 -11.78 11.61
C TYR B 87 0.70 -11.58 13.03
N SER B 88 1.75 -10.83 13.25
CA SER B 88 2.26 -10.66 14.65
C SER B 88 2.89 -9.26 14.66
N ALA B 89 2.88 -8.58 15.76
CA ALA B 89 3.48 -7.21 15.83
C ALA B 89 4.42 -7.27 17.02
N ASP B 90 5.50 -6.56 16.96
CA ASP B 90 6.49 -6.55 18.09
C ASP B 90 6.80 -5.06 18.28
N THR B 91 7.90 -4.81 18.92
CA THR B 91 8.37 -3.44 19.19
C THR B 91 8.95 -2.96 17.84
N LEU B 92 8.08 -2.65 16.91
CA LEU B 92 8.42 -2.15 15.54
C LEU B 92 7.81 -2.89 14.37
N ALA B 93 8.25 -4.11 14.24
CA ALA B 93 7.77 -4.95 13.11
C ALA B 93 6.46 -5.67 13.19
N HIS B 94 5.91 -5.81 12.02
CA HIS B 94 4.60 -6.50 11.78
C HIS B 94 5.06 -7.65 10.90
N HIS B 95 4.63 -8.84 11.21
CA HIS B 95 5.00 -10.07 10.44
C HIS B 95 3.76 -10.49 9.66
N ASN B 96 3.95 -11.07 8.50
CA ASN B 96 2.82 -11.53 7.61
C ASN B 96 1.77 -10.42 7.48
N ASP B 97 2.24 -9.25 7.17
CA ASP B 97 1.32 -8.08 7.05
C ASP B 97 0.79 -7.82 5.67
N ILE B 98 -0.16 -8.64 5.35
CA ILE B 98 -0.84 -8.58 4.03
C ILE B 98 -2.35 -8.89 4.29
N ALA B 99 -3.26 -8.26 3.61
CA ALA B 99 -4.71 -8.53 3.81
C ALA B 99 -5.36 -8.42 2.46
N LEU B 100 -6.50 -9.03 2.28
CA LEU B 100 -7.21 -8.95 0.99
C LEU B 100 -8.62 -8.47 1.32
N LEU B 101 -9.15 -7.60 0.52
CA LEU B 101 -10.53 -7.08 0.75
C LEU B 101 -11.29 -7.37 -0.54
N LYS B 102 -12.40 -8.04 -0.50
CA LYS B 102 -13.15 -8.31 -1.76
C LYS B 102 -14.14 -7.13 -1.75
N ILE B 103 -14.27 -6.45 -2.84
CA ILE B 103 -15.18 -5.30 -2.90
C ILE B 103 -16.40 -5.55 -3.79
N ARG B 104 -17.49 -4.91 -3.46
CA ARG B 104 -18.78 -5.03 -4.23
C ARG B 104 -19.39 -3.62 -4.18
N SER B 105 -19.95 -3.13 -5.26
CA SER B 105 -20.56 -1.75 -5.23
C SER B 105 -22.02 -1.92 -4.79
N LYS B 106 -22.71 -0.85 -4.57
CA LYS B 106 -24.13 -0.98 -4.14
C LYS B 106 -24.95 -1.58 -5.25
N GLU B 107 -24.39 -1.66 -6.43
CA GLU B 107 -25.17 -2.26 -7.56
C GLU B 107 -24.83 -3.74 -7.67
N GLY B 108 -23.83 -4.14 -6.94
CA GLY B 108 -23.40 -5.55 -6.94
C GLY B 108 -22.31 -5.85 -7.90
N ARG B 109 -21.53 -4.88 -8.25
CA ARG B 109 -20.45 -5.20 -9.23
C ARG B 109 -19.10 -4.92 -8.62
N CYS B 110 -18.10 -5.27 -9.36
CA CYS B 110 -16.71 -5.06 -8.91
C CYS B 110 -16.20 -3.79 -9.63
N ALA B 111 -14.93 -3.48 -9.57
CA ALA B 111 -14.40 -2.24 -10.24
C ALA B 111 -14.47 -2.35 -11.76
N GLN B 112 -14.55 -1.23 -12.40
CA GLN B 112 -14.61 -1.22 -13.91
C GLN B 112 -13.39 -0.37 -14.36
N PRO B 113 -12.76 -0.67 -15.46
CA PRO B 113 -11.54 0.07 -15.92
C PRO B 113 -11.88 1.45 -16.43
N SER B 114 -11.09 2.42 -16.14
CA SER B 114 -11.36 3.78 -16.64
C SER B 114 -9.96 4.38 -16.70
N ARG B 115 -9.88 5.65 -16.97
CA ARG B 115 -8.53 6.26 -17.04
C ARG B 115 -8.03 6.52 -15.61
N THR B 116 -8.85 6.34 -14.60
CA THR B 116 -8.36 6.57 -13.21
C THR B 116 -8.41 5.28 -12.37
N ILE B 117 -8.84 4.18 -12.96
CA ILE B 117 -8.93 2.87 -12.25
C ILE B 117 -8.27 1.80 -13.14
N GLN B 118 -7.21 1.19 -12.62
CA GLN B 118 -6.43 0.10 -13.34
C GLN B 118 -5.87 -0.88 -12.31
N THR B 119 -5.55 -2.07 -12.68
CA THR B 119 -4.99 -3.03 -11.68
C THR B 119 -3.48 -2.90 -11.74
N ILE B 120 -2.81 -3.47 -10.77
CA ILE B 120 -1.33 -3.38 -10.80
C ILE B 120 -1.00 -4.88 -10.96
N CYS B 121 0.14 -5.17 -11.51
CA CYS B 121 0.55 -6.56 -11.73
C CYS B 121 1.25 -7.14 -10.50
N LEU B 122 1.12 -8.42 -10.37
CA LEU B 122 1.73 -9.14 -9.23
C LEU B 122 3.06 -9.68 -9.79
N PRO B 123 4.02 -9.91 -8.91
CA PRO B 123 5.28 -10.58 -9.33
C PRO B 123 5.04 -12.10 -9.47
N SER B 124 6.02 -12.78 -10.00
CA SER B 124 5.91 -14.24 -10.16
C SER B 124 6.53 -14.72 -8.84
N MET B 125 6.31 -15.96 -8.52
CA MET B 125 6.86 -16.53 -7.25
C MET B 125 8.29 -16.17 -6.99
N TYR B 126 8.50 -15.70 -5.78
CA TYR B 126 9.83 -15.27 -5.25
C TYR B 126 10.70 -14.44 -6.21
N ASN B 127 10.07 -13.76 -7.13
CA ASN B 127 10.81 -12.90 -8.14
C ASN B 127 10.74 -11.42 -7.70
N ASP B 128 11.87 -10.84 -7.42
CA ASP B 128 11.96 -9.41 -6.97
C ASP B 128 12.90 -8.64 -7.89
N PRO B 129 12.90 -7.32 -7.86
CA PRO B 129 13.98 -6.53 -8.47
C PRO B 129 15.25 -6.69 -7.64
N GLN B 130 16.35 -6.16 -8.14
CA GLN B 130 17.65 -6.26 -7.41
C GLN B 130 17.78 -4.99 -6.60
N PHE B 131 18.49 -5.06 -5.51
CA PHE B 131 18.66 -3.84 -4.67
C PHE B 131 19.23 -2.74 -5.57
N GLY B 132 18.86 -1.52 -5.30
CA GLY B 132 19.37 -0.40 -6.15
C GLY B 132 18.17 0.05 -7.00
N THR B 133 17.34 -0.87 -7.44
CA THR B 133 16.16 -0.45 -8.25
C THR B 133 15.38 0.71 -7.56
N SER B 134 14.84 1.63 -8.34
CA SER B 134 14.06 2.79 -7.79
C SER B 134 12.60 2.32 -7.99
N CYS B 135 11.80 2.47 -6.99
CA CYS B 135 10.37 2.06 -7.05
C CYS B 135 9.62 3.29 -6.53
N GLU B 136 8.34 3.33 -6.71
CA GLU B 136 7.60 4.51 -6.19
C GLU B 136 6.58 4.02 -5.21
N ILE B 137 6.28 4.89 -4.30
CA ILE B 137 5.29 4.60 -3.25
C ILE B 137 4.33 5.80 -3.37
N THR B 138 3.11 5.57 -2.99
CA THR B 138 2.08 6.65 -3.06
C THR B 138 1.21 6.58 -1.81
N GLY B 139 0.55 7.65 -1.51
CA GLY B 139 -0.31 7.64 -0.32
C GLY B 139 -0.70 9.00 0.16
N PHE B 140 -1.53 8.97 1.16
CA PHE B 140 -2.11 10.17 1.87
C PHE B 140 -1.54 10.27 3.29
N GLY B 141 -0.40 9.68 3.50
CA GLY B 141 0.18 9.72 4.86
C GLY B 141 0.82 11.04 5.20
N LYS B 142 1.22 11.16 6.42
CA LYS B 142 1.86 12.41 6.90
C LYS B 142 3.02 12.89 6.03
N GLU B 143 3.20 14.19 6.06
CA GLU B 143 4.28 14.88 5.30
C GLU B 143 5.45 15.15 6.23
N ALA B 144 5.20 15.05 7.51
CA ALA B 144 6.24 15.27 8.53
C ALA B 144 5.83 14.47 9.75
N SER B 145 6.75 13.82 10.42
CA SER B 145 6.44 13.00 11.63
C SER B 145 5.68 13.79 12.72
N THR B 146 5.85 15.09 12.77
CA THR B 146 5.17 15.90 13.79
C THR B 146 3.76 16.31 13.36
N ASP B 147 3.40 16.06 12.13
CA ASP B 147 2.04 16.47 11.73
C ASP B 147 0.99 15.65 12.43
N TYR B 148 -0.18 16.19 12.59
CA TYR B 148 -1.24 15.42 13.26
C TYR B 148 -2.45 15.38 12.33
N LEU B 149 -2.24 15.78 11.11
CA LEU B 149 -3.29 15.81 10.03
C LEU B 149 -2.62 15.12 8.80
N TYR B 150 -3.43 14.69 7.89
CA TYR B 150 -2.96 14.01 6.64
C TYR B 150 -3.23 15.02 5.49
N PRO B 151 -2.42 15.05 4.46
CA PRO B 151 -2.64 15.99 3.32
C PRO B 151 -3.91 15.61 2.66
N GLU B 152 -4.41 16.54 1.91
CA GLU B 152 -5.66 16.34 1.17
C GLU B 152 -5.37 15.87 -0.23
N GLN B 153 -4.17 16.11 -0.70
CA GLN B 153 -3.83 15.68 -2.08
C GLN B 153 -2.93 14.47 -2.02
N LEU B 154 -3.18 13.58 -2.93
CA LEU B 154 -2.39 12.31 -3.01
C LEU B 154 -0.92 12.65 -3.33
N LYS B 155 0.01 11.95 -2.75
CA LYS B 155 1.45 12.23 -3.03
C LYS B 155 2.10 10.91 -3.44
N MET B 156 3.28 11.06 -3.98
CA MET B 156 4.08 9.90 -4.45
C MET B 156 5.56 10.29 -4.33
N THR B 157 6.42 9.31 -4.31
CA THR B 157 7.88 9.63 -4.23
C THR B 157 8.58 8.36 -4.76
N VAL B 158 9.85 8.46 -5.01
CA VAL B 158 10.67 7.34 -5.54
C VAL B 158 11.67 6.98 -4.44
N VAL B 159 11.82 5.71 -4.23
CA VAL B 159 12.76 5.27 -3.17
C VAL B 159 13.55 4.12 -3.79
N LYS B 160 14.69 3.80 -3.25
CA LYS B 160 15.49 2.68 -3.82
C LYS B 160 15.45 1.50 -2.85
N LEU B 161 15.50 0.34 -3.43
CA LEU B 161 15.48 -0.90 -2.61
C LEU B 161 16.92 -1.10 -2.08
N ILE B 162 17.10 -1.54 -0.88
CA ILE B 162 18.49 -1.76 -0.33
C ILE B 162 18.49 -3.31 -0.03
N SER B 163 19.64 -3.88 0.18
CA SER B 163 19.75 -5.36 0.46
C SER B 163 19.32 -5.73 1.87
N HIS B 164 19.18 -6.99 2.14
CA HIS B 164 18.78 -7.39 3.50
C HIS B 164 20.02 -7.22 4.32
N ARG B 165 21.14 -7.58 3.76
CA ARG B 165 22.41 -7.43 4.50
C ARG B 165 22.53 -5.97 5.07
N GLU B 166 22.30 -4.99 4.23
CA GLU B 166 22.39 -3.57 4.68
C GLU B 166 21.34 -3.23 5.73
N CYS B 167 20.15 -3.64 5.49
CA CYS B 167 19.03 -3.37 6.43
C CYS B 167 19.11 -4.14 7.73
N GLN B 168 19.76 -5.27 7.71
CA GLN B 168 19.86 -6.06 8.96
C GLN B 168 21.13 -5.67 9.66
N GLN B 169 21.66 -4.52 9.37
CA GLN B 169 22.90 -4.19 10.10
C GLN B 169 22.34 -3.74 11.45
N PRO B 170 23.05 -4.02 12.51
CA PRO B 170 22.63 -3.64 13.89
C PRO B 170 22.21 -2.20 14.08
N HIS B 171 22.83 -1.33 13.33
CA HIS B 171 22.46 0.10 13.49
C HIS B 171 21.35 0.56 12.63
N TYR B 172 20.76 -0.40 12.00
CA TYR B 172 19.60 -0.18 11.10
C TYR B 172 18.55 -0.94 11.89
N TYR B 173 18.14 -2.10 11.43
CA TYR B 173 17.09 -2.85 12.19
C TYR B 173 17.55 -4.18 12.74
N GLY B 174 18.74 -4.60 12.42
CA GLY B 174 19.14 -5.91 12.98
C GLY B 174 18.20 -6.99 12.42
N SER B 175 17.94 -7.98 13.22
CA SER B 175 17.06 -9.10 12.79
C SER B 175 15.57 -8.84 12.87
N GLU B 176 15.18 -7.61 13.00
CA GLU B 176 13.71 -7.31 13.08
C GLU B 176 13.12 -7.49 11.67
N VAL B 177 13.99 -7.37 10.71
CA VAL B 177 13.60 -7.51 9.28
C VAL B 177 13.88 -8.95 8.86
N THR B 178 12.91 -9.57 8.25
CA THR B 178 13.08 -10.96 7.78
C THR B 178 13.13 -11.01 6.25
N THR B 179 13.20 -12.20 5.74
CA THR B 179 13.26 -12.41 4.28
C THR B 179 11.86 -12.22 3.69
N LYS B 180 10.88 -12.05 4.54
CA LYS B 180 9.50 -11.84 4.04
C LYS B 180 9.23 -10.32 4.00
N MET B 181 10.24 -9.55 4.28
CA MET B 181 10.13 -8.06 4.26
C MET B 181 11.21 -7.53 3.27
N LEU B 182 11.04 -6.30 2.86
CA LEU B 182 11.94 -5.59 1.92
C LEU B 182 12.16 -4.25 2.57
N CYS B 183 13.29 -3.66 2.34
CA CYS B 183 13.56 -2.34 2.92
C CYS B 183 13.79 -1.44 1.72
N ALA B 184 13.40 -0.20 1.83
CA ALA B 184 13.60 0.74 0.71
C ALA B 184 13.89 2.11 1.35
N ALA B 185 14.82 2.86 0.84
CA ALA B 185 15.14 4.20 1.41
C ALA B 185 15.62 5.11 0.28
N ASP B 186 15.76 6.34 0.62
CA ASP B 186 16.22 7.38 -0.33
C ASP B 186 17.71 7.44 0.01
N PRO B 187 18.59 7.42 -0.95
CA PRO B 187 20.03 7.59 -0.69
C PRO B 187 20.37 8.68 0.33
N GLN B 188 19.58 9.72 0.21
CA GLN B 188 19.79 10.87 1.12
C GLN B 188 18.85 10.94 2.29
N TRP B 189 18.20 9.86 2.62
CA TRP B 189 17.22 9.84 3.77
C TRP B 189 16.36 11.13 3.73
N LYS B 190 15.95 11.48 2.55
CA LYS B 190 15.12 12.72 2.38
C LYS B 190 13.61 12.47 2.18
N THR B 191 13.26 11.37 1.55
CA THR B 191 11.82 11.07 1.32
C THR B 191 11.55 9.65 1.87
N ASP B 192 10.33 9.35 2.23
CA ASP B 192 10.02 8.00 2.80
C ASP B 192 8.51 7.91 3.02
N SER B 193 8.05 6.75 3.44
CA SER B 193 6.60 6.54 3.72
C SER B 193 6.49 6.93 5.22
N CYS B 194 5.30 7.16 5.69
CA CYS B 194 5.11 7.53 7.10
C CYS B 194 3.71 7.08 7.52
N GLN B 195 3.39 7.41 8.73
CA GLN B 195 2.08 7.08 9.34
C GLN B 195 1.02 7.54 8.36
N GLY B 196 0.10 6.67 8.06
CA GLY B 196 -0.99 7.03 7.11
C GLY B 196 -0.74 6.39 5.75
N ASP B 197 0.47 5.95 5.53
CA ASP B 197 0.77 5.32 4.19
C ASP B 197 0.65 3.77 4.20
N SER B 198 0.50 3.21 5.37
CA SER B 198 0.37 1.72 5.53
C SER B 198 -0.57 1.10 4.50
N GLY B 199 -0.22 -0.04 3.97
CA GLY B 199 -1.14 -0.68 3.00
C GLY B 199 -0.99 -0.30 1.56
N GLY B 200 -0.41 0.84 1.33
CA GLY B 200 -0.24 1.27 -0.08
C GLY B 200 0.85 0.49 -0.76
N PRO B 201 0.98 0.74 -2.02
CA PRO B 201 1.98 0.02 -2.86
C PRO B 201 3.38 0.62 -3.02
N LEU B 202 4.30 -0.30 -3.25
CA LEU B 202 5.77 -0.06 -3.48
C LEU B 202 5.71 -0.72 -4.89
N VAL B 203 5.82 0.08 -5.91
CA VAL B 203 5.76 -0.44 -7.33
C VAL B 203 7.12 -0.26 -8.01
N CYS B 204 7.55 -1.31 -8.63
CA CYS B 204 8.87 -1.34 -9.35
C CYS B 204 8.62 -1.96 -10.71
N SER B 205 9.55 -1.87 -11.61
CA SER B 205 9.28 -2.49 -12.93
C SER B 205 9.95 -3.85 -12.83
N LEU B 206 9.26 -4.89 -13.16
CA LEU B 206 9.87 -6.24 -13.09
C LEU B 206 9.51 -6.84 -14.42
N GLN B 207 10.47 -7.43 -15.06
CA GLN B 207 10.25 -8.07 -16.39
C GLN B 207 9.37 -7.26 -17.33
N GLY B 208 9.53 -5.96 -17.28
CA GLY B 208 8.72 -5.10 -18.18
C GLY B 208 7.39 -4.62 -17.66
N ARG B 209 6.96 -5.09 -16.52
CA ARG B 209 5.63 -4.63 -15.98
C ARG B 209 5.85 -3.82 -14.71
N MET B 210 4.87 -3.03 -14.38
CA MET B 210 4.94 -2.20 -13.15
C MET B 210 4.32 -3.26 -12.25
N THR B 211 5.10 -3.70 -11.32
CA THR B 211 4.71 -4.74 -10.34
C THR B 211 4.59 -4.25 -8.90
N LEU B 212 3.65 -4.84 -8.20
CA LEU B 212 3.41 -4.50 -6.79
C LEU B 212 4.54 -5.34 -6.15
N THR B 213 5.59 -4.69 -5.79
CA THR B 213 6.72 -5.41 -5.16
C THR B 213 6.56 -5.40 -3.61
N GLY B 214 6.01 -4.36 -3.05
CA GLY B 214 5.86 -4.35 -1.57
C GLY B 214 4.61 -3.60 -1.13
N ILE B 215 4.29 -3.75 0.13
CA ILE B 215 3.11 -3.10 0.75
C ILE B 215 3.71 -2.26 1.86
N VAL B 216 3.29 -1.04 1.99
CA VAL B 216 3.87 -0.17 3.09
C VAL B 216 3.49 -0.85 4.42
N SER B 217 4.48 -1.17 5.22
CA SER B 217 4.21 -1.84 6.53
C SER B 217 4.67 -1.08 7.80
N TRP B 218 5.95 -0.86 8.00
CA TRP B 218 6.40 -0.12 9.22
C TRP B 218 7.72 0.62 9.04
N GLY B 219 8.22 1.13 10.13
CA GLY B 219 9.52 1.86 10.07
C GLY B 219 9.68 2.67 11.33
N ARG B 220 10.90 2.97 11.70
CA ARG B 220 11.15 3.77 12.93
C ARG B 220 11.24 5.22 12.45
N GLY B 221 10.33 6.03 12.93
CA GLY B 221 10.32 7.45 12.53
C GLY B 221 9.95 7.51 11.04
N CYS B 222 10.25 8.58 10.37
CA CYS B 222 9.95 8.72 8.93
C CYS B 222 11.10 9.52 8.39
N ALA B 223 11.66 9.01 7.33
CA ALA B 223 12.82 9.62 6.59
C ALA B 223 13.98 9.85 7.58
N LEU B 224 14.30 8.83 8.33
CA LEU B 224 15.41 8.97 9.32
C LEU B 224 16.57 8.18 8.76
N LYS B 225 17.72 8.70 9.05
CA LYS B 225 18.99 8.06 8.57
C LYS B 225 19.09 6.66 9.20
N ASP B 226 19.48 5.73 8.39
CA ASP B 226 19.66 4.31 8.79
C ASP B 226 18.38 3.66 9.28
N LYS B 227 17.26 4.23 8.96
CA LYS B 227 15.94 3.65 9.39
C LYS B 227 15.08 3.66 8.12
N PRO B 228 15.31 2.67 7.27
CA PRO B 228 14.57 2.56 5.98
C PRO B 228 13.08 2.28 6.28
N GLY B 229 12.24 2.20 5.28
CA GLY B 229 10.83 1.92 5.59
C GLY B 229 10.84 0.44 5.24
N VAL B 230 10.02 -0.33 5.87
CA VAL B 230 10.00 -1.79 5.59
C VAL B 230 8.64 -2.09 4.93
N TYR B 231 8.67 -2.97 3.96
CA TYR B 231 7.49 -3.38 3.18
C TYR B 231 7.31 -4.89 3.22
N THR B 232 6.07 -5.33 3.06
CA THR B 232 5.79 -6.80 3.05
C THR B 232 6.25 -7.21 1.63
N ARG B 233 7.05 -8.24 1.58
CA ARG B 233 7.60 -8.76 0.31
C ARG B 233 6.55 -9.61 -0.36
N VAL B 234 5.75 -8.96 -1.13
CA VAL B 234 4.65 -9.68 -1.86
C VAL B 234 5.06 -10.98 -2.60
N SER B 235 6.20 -11.00 -3.20
CA SER B 235 6.69 -12.20 -3.97
C SER B 235 6.66 -13.49 -3.11
N HIS B 236 6.79 -13.30 -1.82
CA HIS B 236 6.78 -14.45 -0.88
C HIS B 236 5.39 -14.84 -0.37
N PHE B 237 4.38 -14.12 -0.79
CA PHE B 237 2.97 -14.40 -0.36
C PHE B 237 2.11 -14.88 -1.50
N LEU B 238 2.68 -15.00 -2.66
CA LEU B 238 1.87 -15.47 -3.83
C LEU B 238 0.98 -16.70 -3.59
N PRO B 239 1.41 -17.75 -2.93
CA PRO B 239 0.49 -18.90 -2.69
C PRO B 239 -0.69 -18.40 -1.86
N TRP B 240 -0.36 -17.74 -0.79
CA TRP B 240 -1.41 -17.21 0.11
C TRP B 240 -2.42 -16.42 -0.76
N ILE B 241 -1.90 -15.50 -1.53
CA ILE B 241 -2.79 -14.67 -2.39
C ILE B 241 -3.62 -15.58 -3.28
N ARG B 242 -3.02 -16.51 -3.93
CA ARG B 242 -3.83 -17.40 -4.82
C ARG B 242 -4.84 -18.23 -4.00
N SER B 243 -4.47 -18.81 -2.90
CA SER B 243 -5.47 -19.61 -2.13
C SER B 243 -6.78 -18.84 -1.96
N HIS B 244 -6.67 -17.54 -1.86
CA HIS B 244 -7.91 -16.71 -1.68
C HIS B 244 -8.32 -15.92 -2.91
N THR B 245 -7.50 -15.75 -3.91
CA THR B 245 -7.87 -14.97 -5.12
C THR B 245 -7.58 -15.76 -6.40
#